data_7JX7
#
_entry.id   7JX7
#
_cell.length_a   32.190
_cell.length_b   52.457
_cell.length_c   71.759
_cell.angle_alpha   90.000
_cell.angle_beta   90.000
_cell.angle_gamma   90.000
#
_symmetry.space_group_name_H-M   'P 2 21 21'
#
loop_
_entity.id
_entity.type
_entity.pdbx_description
1 polymer 'Bromodomain-containing protein 2'
2 polymer 'Diacetylated-H2A.Z peptide'
3 water water
#
loop_
_entity_poly.entity_id
_entity_poly.type
_entity_poly.pdbx_seq_one_letter_code
_entity_poly.pdbx_strand_id
1 'polypeptide(L)'
;QGPLGSSEQLKHCNGILKELLSKKHAAYAWPFYKPVDASALGLHDYHDIIKHPMDLSTVKRKMENRDYRDAQEFAADVRL
MFSNCYKYNPPDHDVVAMARKLQDVFEFRYAKMPD
;
A
2 'polypeptide(L)' GG(ALY)AG(ALY) B
#
# COMPACT_ATOMS: atom_id res chain seq x y z
N GLY A 5 5.42 -14.59 12.90
CA GLY A 5 5.20 -15.66 11.94
C GLY A 5 4.02 -16.55 12.26
N SER A 6 3.25 -16.17 13.28
CA SER A 6 2.11 -16.99 13.65
C SER A 6 0.99 -16.85 12.62
N SER A 7 0.16 -17.89 12.56
CA SER A 7 -1.10 -17.81 11.83
C SER A 7 -1.90 -16.61 12.29
N GLU A 8 -1.96 -16.40 13.61
CA GLU A 8 -2.77 -15.32 14.18
C GLU A 8 -2.28 -13.95 13.70
N GLN A 9 -0.96 -13.74 13.65
CA GLN A 9 -0.46 -12.45 13.21
C GLN A 9 -0.77 -12.21 11.74
N LEU A 10 -0.65 -13.24 10.91
CA LEU A 10 -0.96 -13.09 9.49
C LEU A 10 -2.46 -12.87 9.27
N LYS A 11 -3.32 -13.42 10.14
CA LYS A 11 -4.75 -13.11 10.01
C LYS A 11 -5.01 -11.64 10.35
N HIS A 12 -4.30 -11.10 11.34
CA HIS A 12 -4.40 -9.66 11.60
C HIS A 12 -3.99 -8.88 10.35
N CYS A 13 -2.87 -9.26 9.74
CA CYS A 13 -2.47 -8.62 8.48
C CYS A 13 -3.56 -8.74 7.42
N ASN A 14 -4.12 -9.95 7.25
CA ASN A 14 -5.15 -10.11 6.23
C ASN A 14 -6.37 -9.24 6.53
N GLY A 15 -6.73 -9.10 7.80
CA GLY A 15 -7.84 -8.21 8.15
C GLY A 15 -7.55 -6.78 7.76
N ILE A 16 -6.35 -6.29 8.07
CA ILE A 16 -5.94 -4.94 7.69
C ILE A 16 -6.07 -4.77 6.19
N LEU A 17 -5.57 -5.76 5.43
CA LEU A 17 -5.58 -5.71 3.97
C LEU A 17 -7.01 -5.64 3.44
N LYS A 18 -7.88 -6.51 3.96
CA LYS A 18 -9.29 -6.42 3.61
C LYS A 18 -9.86 -5.04 3.92
N GLU A 19 -9.53 -4.47 5.08
CA GLU A 19 -10.05 -3.14 5.40
C GLU A 19 -9.54 -2.10 4.43
N LEU A 20 -8.23 -2.15 4.09
CA LEU A 20 -7.67 -1.16 3.16
C LEU A 20 -8.35 -1.23 1.80
N LEU A 21 -8.86 -2.41 1.44
CA LEU A 21 -9.53 -2.63 0.15
C LEU A 21 -11.03 -2.41 0.21
N SER A 22 -11.57 -2.09 1.38
CA SER A 22 -13.00 -2.03 1.61
C SER A 22 -13.57 -0.67 1.20
N LYS A 23 -14.90 -0.64 1.04
CA LYS A 23 -15.57 0.57 0.60
C LYS A 23 -15.39 1.71 1.60
N LYS A 24 -15.23 1.38 2.88
CA LYS A 24 -15.03 2.39 3.91
C LYS A 24 -13.95 3.40 3.54
N HIS A 25 -12.88 2.94 2.89
CA HIS A 25 -11.72 3.76 2.64
C HIS A 25 -11.53 4.07 1.15
N ALA A 26 -12.51 3.76 0.30
CA ALA A 26 -12.31 3.83 -1.14
C ALA A 26 -12.05 5.24 -1.65
N ALA A 27 -12.48 6.27 -0.91
CA ALA A 27 -12.34 7.62 -1.44
C ALA A 27 -10.88 8.04 -1.53
N TYR A 28 -10.02 7.47 -0.68
CA TYR A 28 -8.59 7.76 -0.74
C TYR A 28 -7.74 6.53 -1.01
N ALA A 29 -8.31 5.32 -0.97
CA ALA A 29 -7.50 4.13 -1.20
C ALA A 29 -7.36 3.79 -2.68
N TRP A 30 -8.26 4.28 -3.52
CA TRP A 30 -8.30 3.78 -4.90
C TRP A 30 -7.00 3.97 -5.69
N PRO A 31 -6.16 4.99 -5.47
CA PRO A 31 -4.92 5.07 -6.26
C PRO A 31 -3.96 3.93 -6.00
N PHE A 32 -4.20 3.14 -4.95
CA PHE A 32 -3.31 2.08 -4.51
C PHE A 32 -3.87 0.70 -4.81
N TYR A 33 -5.00 0.61 -5.49
CA TYR A 33 -5.67 -0.67 -5.72
C TYR A 33 -4.91 -1.54 -6.70
N LYS A 34 -4.27 -0.94 -7.70
CA LYS A 34 -3.65 -1.65 -8.81
C LYS A 34 -2.26 -1.06 -9.06
N PRO A 35 -1.38 -1.81 -9.73
CA PRO A 35 -0.07 -1.24 -10.08
C PRO A 35 -0.21 0.06 -10.84
N VAL A 36 0.69 1.01 -10.56
CA VAL A 36 0.75 2.22 -11.36
C VAL A 36 1.04 1.82 -12.81
N ASP A 37 0.12 2.15 -13.72
CA ASP A 37 0.32 1.92 -15.15
C ASP A 37 0.97 3.17 -15.72
N ALA A 38 2.31 3.18 -15.71
CA ALA A 38 3.06 4.39 -16.07
C ALA A 38 2.79 4.78 -17.52
N SER A 39 2.73 3.80 -18.42
CA SER A 39 2.44 4.10 -19.82
C SER A 39 1.06 4.73 -19.98
N ALA A 40 0.03 4.10 -19.41
CA ALA A 40 -1.32 4.62 -19.51
C ALA A 40 -1.43 6.04 -18.93
N LEU A 41 -0.66 6.34 -17.88
CA LEU A 41 -0.76 7.62 -17.19
C LEU A 41 0.21 8.67 -17.75
N GLY A 42 1.05 8.30 -18.71
CA GLY A 42 2.03 9.24 -19.24
C GLY A 42 3.19 9.52 -18.33
N LEU A 43 3.45 8.65 -17.35
CA LEU A 43 4.52 8.85 -16.37
C LEU A 43 5.78 8.11 -16.82
N HIS A 44 6.41 8.63 -17.87
CA HIS A 44 7.47 7.88 -18.53
C HIS A 44 8.76 7.83 -17.73
N ASP A 45 8.84 8.52 -16.60
CA ASP A 45 9.98 8.44 -15.69
C ASP A 45 9.67 7.61 -14.44
N TYR A 46 8.48 7.01 -14.34
CA TYR A 46 8.07 6.36 -13.09
C TYR A 46 9.01 5.23 -12.71
N HIS A 47 9.32 4.35 -13.67
CA HIS A 47 10.16 3.19 -13.39
C HIS A 47 11.64 3.51 -13.39
N ASP A 48 12.02 4.74 -13.74
CA ASP A 48 13.37 5.20 -13.49
C ASP A 48 13.54 5.71 -12.06
N ILE A 49 12.45 6.11 -11.42
CA ILE A 49 12.48 6.67 -10.08
C ILE A 49 12.10 5.63 -9.03
N ILE A 50 11.14 4.78 -9.36
CA ILE A 50 10.62 3.74 -8.47
C ILE A 50 11.24 2.41 -8.89
N LYS A 51 12.12 1.86 -8.05
CA LYS A 51 12.79 0.60 -8.37
C LYS A 51 11.94 -0.61 -8.04
N HIS A 52 11.05 -0.50 -7.06
CA HIS A 52 10.27 -1.65 -6.56
C HIS A 52 8.82 -1.25 -6.44
N PRO A 53 8.07 -1.28 -7.54
CA PRO A 53 6.64 -0.94 -7.46
C PRO A 53 5.90 -1.86 -6.50
N MET A 54 4.85 -1.31 -5.88
CA MET A 54 4.02 -2.12 -5.00
C MET A 54 2.64 -1.50 -4.94
N ASP A 55 1.63 -2.34 -4.75
CA ASP A 55 0.24 -1.89 -4.68
C ASP A 55 -0.56 -2.94 -3.93
N LEU A 56 -1.80 -2.60 -3.61
CA LEU A 56 -2.59 -3.49 -2.76
C LEU A 56 -3.00 -4.78 -3.47
N SER A 57 -3.19 -4.76 -4.79
CA SER A 57 -3.51 -6.00 -5.49
C SER A 57 -2.34 -6.96 -5.46
N THR A 58 -1.11 -6.44 -5.43
CA THR A 58 0.06 -7.31 -5.32
C THR A 58 0.19 -7.85 -3.90
N VAL A 59 -0.04 -7.00 -2.89
CA VAL A 59 -0.05 -7.49 -1.52
C VAL A 59 -1.10 -8.58 -1.38
N LYS A 60 -2.28 -8.38 -1.96
CA LYS A 60 -3.33 -9.39 -1.88
C LYS A 60 -2.91 -10.69 -2.54
N ARG A 61 -2.28 -10.62 -3.73
CA ARG A 61 -1.82 -11.84 -4.37
C ARG A 61 -0.80 -12.57 -3.49
N LYS A 62 0.14 -11.83 -2.90
CA LYS A 62 1.17 -12.46 -2.08
C LYS A 62 0.57 -13.08 -0.83
N MET A 63 -0.45 -12.44 -0.25
CA MET A 63 -1.11 -13.03 0.91
C MET A 63 -1.85 -14.31 0.54
N GLU A 64 -2.59 -14.28 -0.58
CA GLU A 64 -3.34 -15.46 -1.00
C GLU A 64 -2.41 -16.61 -1.38
N ASN A 65 -1.26 -16.28 -1.98
CA ASN A 65 -0.28 -17.30 -2.38
C ASN A 65 0.58 -17.78 -1.23
N ARG A 66 0.36 -17.25 -0.01
CA ARG A 66 1.14 -17.62 1.17
C ARG A 66 2.61 -17.22 0.98
N ASP A 67 2.82 -16.09 0.31
CA ASP A 67 4.18 -15.59 0.12
C ASP A 67 4.74 -15.03 1.42
N TYR A 68 3.91 -14.33 2.20
CA TYR A 68 4.39 -13.68 3.42
C TYR A 68 4.56 -14.72 4.51
N ARG A 69 5.77 -14.78 5.08
CA ARG A 69 6.02 -15.70 6.19
C ARG A 69 5.82 -15.06 7.55
N ASP A 70 5.76 -13.73 7.63
CA ASP A 70 5.52 -13.07 8.91
C ASP A 70 4.91 -11.69 8.64
N ALA A 71 4.43 -11.07 9.72
CA ALA A 71 3.76 -9.78 9.60
C ALA A 71 4.72 -8.69 9.13
N GLN A 72 5.99 -8.76 9.55
CA GLN A 72 6.96 -7.72 9.20
C GLN A 72 7.16 -7.65 7.69
N GLU A 73 7.16 -8.79 7.01
CA GLU A 73 7.30 -8.82 5.57
C GLU A 73 6.10 -8.16 4.89
N PHE A 74 4.90 -8.41 5.42
CA PHE A 74 3.69 -7.76 4.92
C PHE A 74 3.75 -6.26 5.13
N ALA A 75 4.11 -5.84 6.34
CA ALA A 75 4.16 -4.41 6.64
C ALA A 75 5.17 -3.70 5.74
N ALA A 76 6.30 -4.35 5.47
CA ALA A 76 7.31 -3.74 4.60
C ALA A 76 6.76 -3.48 3.20
N ASP A 77 5.95 -4.39 2.67
CA ASP A 77 5.36 -4.16 1.35
C ASP A 77 4.34 -3.03 1.39
N VAL A 78 3.50 -2.98 2.42
CA VAL A 78 2.51 -1.92 2.46
C VAL A 78 3.20 -0.58 2.59
N ARG A 79 4.23 -0.52 3.44
CA ARG A 79 4.93 0.74 3.62
C ARG A 79 5.73 1.10 2.38
N LEU A 80 6.23 0.11 1.65
CA LEU A 80 6.93 0.38 0.39
C LEU A 80 5.98 1.07 -0.60
N MET A 81 4.75 0.59 -0.71
CA MET A 81 3.75 1.21 -1.56
C MET A 81 3.60 2.70 -1.25
N PHE A 82 3.47 3.04 0.03
CA PHE A 82 3.36 4.45 0.42
C PHE A 82 4.66 5.19 0.10
N SER A 83 5.80 4.58 0.41
CA SER A 83 7.09 5.23 0.16
C SER A 83 7.24 5.56 -1.32
N ASN A 84 6.82 4.66 -2.20
CA ASN A 84 6.92 4.95 -3.63
C ASN A 84 6.13 6.20 -3.98
N CYS A 85 4.95 6.34 -3.37
CA CYS A 85 4.12 7.51 -3.60
C CYS A 85 4.81 8.78 -3.09
N TYR A 86 5.37 8.73 -1.87
CA TYR A 86 6.08 9.87 -1.33
C TYR A 86 7.34 10.20 -2.14
N LYS A 87 7.92 9.22 -2.83
CA LYS A 87 9.12 9.50 -3.61
C LYS A 87 8.80 10.15 -4.96
N TYR A 88 7.77 9.65 -5.63
CA TYR A 88 7.49 10.08 -6.99
C TYR A 88 6.77 11.43 -7.03
N ASN A 89 5.93 11.72 -6.02
CA ASN A 89 4.99 12.84 -6.06
C ASN A 89 5.39 13.94 -5.10
N PRO A 90 5.17 15.20 -5.48
CA PRO A 90 5.44 16.31 -4.57
C PRO A 90 4.63 16.17 -3.29
N PRO A 91 5.15 16.69 -2.17
CA PRO A 91 4.45 16.50 -0.88
C PRO A 91 3.11 17.21 -0.78
N ASP A 92 2.81 18.18 -1.64
CA ASP A 92 1.53 18.86 -1.61
C ASP A 92 0.53 18.29 -2.60
N HIS A 93 0.85 17.15 -3.22
CA HIS A 93 0.00 16.54 -4.23
C HIS A 93 -1.18 15.82 -3.58
N ASP A 94 -2.33 15.84 -4.27
CA ASP A 94 -3.53 15.19 -3.75
C ASP A 94 -3.28 13.71 -3.47
N VAL A 95 -2.54 13.02 -4.35
CA VAL A 95 -2.34 11.58 -4.14
C VAL A 95 -1.51 11.33 -2.89
N VAL A 96 -0.65 12.28 -2.52
CA VAL A 96 0.13 12.13 -1.29
C VAL A 96 -0.75 12.29 -0.06
N ALA A 97 -1.70 13.24 -0.09
CA ALA A 97 -2.64 13.38 1.02
C ALA A 97 -3.47 12.12 1.18
N MET A 98 -3.85 11.49 0.07
CA MET A 98 -4.56 10.21 0.12
C MET A 98 -3.68 9.12 0.72
N ALA A 99 -2.41 9.05 0.29
CA ALA A 99 -1.48 8.08 0.88
C ALA A 99 -1.37 8.27 2.40
N ARG A 100 -1.23 9.52 2.85
CA ARG A 100 -1.06 9.76 4.29
C ARG A 100 -2.28 9.27 5.06
N LYS A 101 -3.48 9.52 4.52
CA LYS A 101 -4.71 9.08 5.17
C LYS A 101 -4.79 7.55 5.22
N LEU A 102 -4.47 6.89 4.12
CA LEU A 102 -4.52 5.43 4.13
C LEU A 102 -3.42 4.84 5.00
N GLN A 103 -2.25 5.48 5.06
CA GLN A 103 -1.19 4.97 5.92
C GLN A 103 -1.55 5.16 7.38
N ASP A 104 -2.28 6.24 7.70
CA ASP A 104 -2.81 6.39 9.05
C ASP A 104 -3.72 5.23 9.42
N VAL A 105 -4.60 4.83 8.51
CA VAL A 105 -5.46 3.67 8.74
C VAL A 105 -4.60 2.44 8.98
N PHE A 106 -3.60 2.23 8.14
CA PHE A 106 -2.76 1.04 8.24
C PHE A 106 -1.95 1.02 9.54
N GLU A 107 -1.29 2.13 9.86
CA GLU A 107 -0.36 2.11 11.00
C GLU A 107 -1.10 1.96 12.32
N PHE A 108 -2.28 2.58 12.46
N PHE A 108 -2.27 2.61 12.45
CA PHE A 108 -2.94 2.49 13.75
CA PHE A 108 -3.03 2.52 13.69
C PHE A 108 -3.55 1.11 13.99
C PHE A 108 -3.47 1.09 13.96
N ARG A 109 -4.00 0.42 12.93
CA ARG A 109 -4.46 -0.94 13.12
C ARG A 109 -3.30 -1.94 13.18
N TYR A 110 -2.25 -1.72 12.38
CA TYR A 110 -1.10 -2.63 12.45
C TYR A 110 -0.49 -2.64 13.85
N ALA A 111 -0.53 -1.49 14.53
CA ALA A 111 0.01 -1.38 15.88
C ALA A 111 -0.73 -2.26 16.87
N LYS A 112 -1.95 -2.68 16.54
CA LYS A 112 -2.76 -3.54 17.40
C LYS A 112 -2.45 -5.01 17.19
N MET A 113 -1.31 -5.30 16.58
CA MET A 113 -0.86 -6.65 16.30
C MET A 113 -0.97 -7.52 17.56
N PRO A 114 -1.61 -8.69 17.48
CA PRO A 114 -1.61 -9.60 18.63
C PRO A 114 -0.20 -10.08 18.93
N ASP A 115 0.12 -10.15 20.22
CA ASP A 115 1.47 -10.47 20.64
C ASP A 115 1.80 -11.95 20.46
N GLY B 1 5.98 17.28 -12.18
CA GLY B 1 6.09 16.92 -10.79
C GLY B 1 4.98 15.98 -10.33
N GLY B 2 5.28 14.69 -10.32
CA GLY B 2 4.30 13.69 -9.91
C GLY B 2 3.17 13.49 -10.90
N ALA B 4 -0.87 13.52 -12.41
CA ALA B 4 -1.91 14.52 -12.63
C ALA B 4 -2.86 14.55 -11.42
N GLY B 5 -3.35 15.74 -11.08
CA GLY B 5 -4.14 15.92 -9.87
C GLY B 5 -5.42 15.10 -9.76
#